data_3NS4
#
_entry.id   3NS4
#
_cell.length_a   127.236
_cell.length_b   127.236
_cell.length_c   81.658
_cell.angle_alpha   90.00
_cell.angle_beta   90.00
_cell.angle_gamma   120.00
#
_symmetry.space_group_name_H-M   'P 63 2 2'
#
loop_
_entity.id
_entity.type
_entity.pdbx_description
1 polymer 'Vacuolar protein sorting-associated protein 53'
2 non-polymer 'BARIUM ION'
3 water water
#
_entity_poly.entity_id   1
_entity_poly.type   'polypeptide(L)'
_entity_poly.pdbx_seq_one_letter_code
;GSQQQEQPSTLAFILSQFNRDVYKWNFLDKVIDI(MSE)TTNFVSNTIRLLQPVPPFSLAGSKRKFETRTVVNIGEQLLL
DLELLKEIFHTLPESVSNDSDLRENTSYKRVKRHADNNIDQLLKFIKLL(MSE)APLDSADDYYETYSKLTNNNPDSAVW
SFVLALKGIPWDLALWKK(MSE)WSAYNLETDDTDEGSRPDSNRDLFIFKWDKVLLGQFENNLAR(MSE)QDPNWSKFVR
QDLKISPPV(MSE)KRIVSTPQIQQQKEEQKKQSLSVKDFVSHSRFFNRGT
;
_entity_poly.pdbx_strand_id   A
#
loop_
_chem_comp.id
_chem_comp.type
_chem_comp.name
_chem_comp.formula
BA non-polymer 'BARIUM ION' 'Ba 2'
#
# COMPACT_ATOMS: atom_id res chain seq x y z
N PHE A 13 -22.96 19.37 -25.03
CA PHE A 13 -21.99 20.45 -24.70
C PHE A 13 -21.36 20.49 -23.26
N ILE A 14 -20.03 20.71 -23.18
CA ILE A 14 -19.28 20.67 -21.88
C ILE A 14 -18.54 22.00 -21.55
N LEU A 15 -19.09 22.75 -20.58
CA LEU A 15 -18.60 24.09 -20.17
C LEU A 15 -17.53 24.16 -19.07
N SER A 16 -17.50 23.17 -18.20
CA SER A 16 -16.53 23.12 -17.10
C SER A 16 -15.03 23.17 -17.56
N GLN A 17 -14.75 22.67 -18.78
CA GLN A 17 -13.38 22.63 -19.36
C GLN A 17 -12.75 23.99 -19.64
N PHE A 18 -13.60 25.02 -19.72
CA PHE A 18 -13.15 26.38 -19.94
C PHE A 18 -13.13 27.20 -18.63
N ASN A 19 -13.42 26.55 -17.50
CA ASN A 19 -13.45 27.22 -16.20
C ASN A 19 -12.14 27.09 -15.45
N ARG A 20 -11.34 28.16 -15.43
CA ARG A 20 -10.03 28.15 -14.75
C ARG A 20 -10.09 27.74 -13.28
N ASP A 21 -11.16 28.11 -12.58
CA ASP A 21 -11.34 27.80 -11.16
C ASP A 21 -11.66 26.33 -10.91
N VAL A 22 -12.55 25.73 -11.70
CA VAL A 22 -12.83 24.29 -11.58
C VAL A 22 -11.52 23.50 -11.74
N TYR A 23 -10.78 23.84 -12.80
CA TYR A 23 -9.52 23.20 -13.18
C TYR A 23 -8.45 23.16 -12.10
N LYS A 24 -8.13 24.33 -11.56
CA LYS A 24 -7.11 24.40 -10.53
C LYS A 24 -7.34 23.42 -9.41
N TRP A 25 -8.59 23.18 -9.04
CA TRP A 25 -8.82 22.21 -7.98
C TRP A 25 -8.66 20.82 -8.53
N ASN A 26 -9.04 20.55 -9.77
CA ASN A 26 -8.85 19.20 -10.27
C ASN A 26 -7.39 18.87 -10.37
N PHE A 27 -6.62 19.88 -10.72
CA PHE A 27 -5.18 19.77 -10.80
C PHE A 27 -4.61 19.41 -9.43
N LEU A 28 -4.99 20.11 -8.37
CA LEU A 28 -4.47 19.72 -7.07
C LEU A 28 -4.85 18.29 -6.78
N ASP A 29 -6.01 17.86 -7.23
CA ASP A 29 -6.42 16.50 -6.99
C ASP A 29 -5.41 15.58 -7.64
N LYS A 30 -5.00 15.92 -8.86
CA LYS A 30 -3.99 15.11 -9.59
C LYS A 30 -2.63 15.11 -8.91
N VAL A 31 -2.16 16.29 -8.48
CA VAL A 31 -0.90 16.37 -7.78
C VAL A 31 -0.98 15.41 -6.58
N ILE A 32 -2.03 15.54 -5.80
CA ILE A 32 -2.18 14.61 -4.71
C ILE A 32 -2.00 13.17 -5.13
N ASP A 33 -2.79 12.67 -6.08
CA ASP A 33 -2.66 11.26 -6.52
C ASP A 33 -1.26 10.89 -7.05
N ILE A 34 -0.62 11.81 -7.76
CA ILE A 34 0.73 11.55 -8.27
C ILE A 34 1.66 11.29 -7.09
N MSE A 35 1.69 12.22 -6.14
CA MSE A 35 2.52 12.05 -4.97
CA MSE A 35 2.52 12.06 -4.97
C MSE A 35 2.17 10.78 -4.21
O MSE A 35 3.05 10.09 -3.73
CB MSE A 35 2.46 13.25 -4.04
CB MSE A 35 2.48 13.31 -4.07
CG MSE A 35 2.96 14.52 -4.67
CG MSE A 35 3.25 14.49 -4.67
SE MSE A 35 4.77 14.41 -5.42
SE MSE A 35 3.18 16.28 -3.82
CE MSE A 35 5.72 13.82 -3.80
CE MSE A 35 1.30 16.67 -4.09
N THR A 36 0.89 10.44 -4.12
CA THR A 36 0.57 9.22 -3.40
C THR A 36 1.13 7.97 -4.13
N THR A 37 0.96 7.97 -5.45
CA THR A 37 1.46 6.91 -6.26
C THR A 37 2.95 6.81 -6.13
N ASN A 38 3.67 7.93 -6.19
CA ASN A 38 5.11 7.74 -6.00
C ASN A 38 5.50 7.17 -4.66
N PHE A 39 4.76 7.58 -3.64
CA PHE A 39 5.12 7.13 -2.33
C PHE A 39 4.91 5.62 -2.29
N VAL A 40 3.82 5.17 -2.88
CA VAL A 40 3.53 3.76 -2.89
C VAL A 40 4.51 3.00 -3.75
N SER A 41 4.71 3.44 -4.98
CA SER A 41 5.58 2.67 -5.85
C SER A 41 7.02 2.57 -5.33
N ASN A 42 7.59 3.67 -4.87
CA ASN A 42 8.91 3.60 -4.34
C ASN A 42 9.00 2.66 -3.19
N THR A 43 8.02 2.72 -2.29
CA THR A 43 8.06 1.80 -1.17
C THR A 43 8.12 0.36 -1.68
N ILE A 44 7.20 0.00 -2.57
CA ILE A 44 7.17 -1.36 -3.04
C ILE A 44 8.46 -1.77 -3.78
N ARG A 45 8.98 -0.93 -4.67
CA ARG A 45 10.17 -1.29 -5.44
C ARG A 45 11.31 -1.54 -4.49
N LEU A 46 11.29 -0.81 -3.39
CA LEU A 46 12.32 -0.92 -2.40
C LEU A 46 12.24 -2.26 -1.69
N LEU A 47 11.07 -2.53 -1.14
CA LEU A 47 10.88 -3.68 -0.33
C LEU A 47 10.54 -4.97 -1.02
N GLN A 48 10.12 -4.94 -2.27
CA GLN A 48 9.65 -6.17 -2.87
C GLN A 48 10.75 -7.19 -3.14
N PRO A 49 10.37 -8.46 -3.05
CA PRO A 49 11.24 -9.61 -3.29
C PRO A 49 11.72 -9.67 -4.75
N VAL A 50 12.90 -10.25 -4.95
CA VAL A 50 13.52 -10.33 -6.27
C VAL A 50 13.28 -11.67 -6.95
N PRO A 51 12.56 -11.65 -8.10
CA PRO A 51 12.32 -12.88 -8.86
C PRO A 51 13.62 -13.32 -9.50
N PRO A 52 13.85 -14.63 -9.59
CA PRO A 52 12.92 -15.70 -9.21
C PRO A 52 12.92 -15.97 -7.69
N PHE A 53 11.75 -16.38 -7.21
CA PHE A 53 11.57 -16.62 -5.80
C PHE A 53 11.91 -18.03 -5.35
N SER A 54 12.65 -18.15 -4.25
CA SER A 54 12.91 -19.44 -3.56
C SER A 54 13.86 -19.22 -2.38
N LEU A 55 14.06 -20.25 -1.56
CA LEU A 55 15.00 -20.17 -0.40
C LEU A 55 16.45 -19.93 -0.96
N ALA A 56 16.67 -20.40 -2.19
CA ALA A 56 17.83 -20.04 -3.01
C ALA A 56 17.33 -18.73 -3.71
N GLY A 57 18.03 -18.17 -4.69
CA GLY A 57 17.55 -16.88 -5.26
C GLY A 57 17.07 -16.01 -4.10
N SER A 58 17.87 -16.05 -3.03
CA SER A 58 17.66 -15.39 -1.73
C SER A 58 19.02 -15.53 -0.97
N LYS A 59 19.22 -15.03 0.27
CA LYS A 59 18.31 -14.31 1.20
C LYS A 59 17.55 -13.07 0.72
N ARG A 60 16.60 -12.61 1.57
CA ARG A 60 15.86 -11.37 1.32
C ARG A 60 16.81 -10.19 1.49
N LYS A 61 16.63 -9.17 0.65
CA LYS A 61 17.43 -7.95 0.72
C LYS A 61 17.45 -7.34 2.15
N PHE A 62 16.34 -7.40 2.90
CA PHE A 62 16.29 -6.91 4.29
C PHE A 62 15.66 -7.88 5.30
N GLU A 63 16.17 -7.89 6.54
CA GLU A 63 15.56 -8.66 7.62
C GLU A 63 14.27 -7.94 8.02
N THR A 64 13.30 -8.66 8.58
CA THR A 64 12.03 -8.01 8.98
C THR A 64 12.26 -6.88 9.96
N ARG A 65 13.21 -7.04 10.91
CA ARG A 65 13.51 -5.98 11.88
C ARG A 65 13.87 -4.70 11.15
N THR A 66 14.63 -4.81 10.07
CA THR A 66 15.05 -3.61 9.33
C THR A 66 13.89 -2.98 8.59
N VAL A 67 13.02 -3.83 8.06
CA VAL A 67 11.83 -3.35 7.38
C VAL A 67 11.02 -2.51 8.37
N VAL A 68 10.84 -3.02 9.57
CA VAL A 68 10.16 -2.24 10.60
C VAL A 68 10.83 -0.85 10.75
N ASN A 69 12.16 -0.80 10.88
CA ASN A 69 12.87 0.48 10.99
C ASN A 69 12.57 1.33 9.77
N ILE A 70 12.59 0.70 8.61
CA ILE A 70 12.30 1.46 7.42
C ILE A 70 10.92 2.08 7.58
N GLY A 71 9.97 1.25 8.00
CA GLY A 71 8.62 1.72 8.20
C GLY A 71 8.63 2.97 9.05
N GLU A 72 9.45 2.97 10.08
CA GLU A 72 9.52 4.08 11.00
C GLU A 72 9.97 5.37 10.33
N GLN A 73 10.95 5.24 9.44
CA GLN A 73 11.43 6.36 8.68
C GLN A 73 10.33 6.87 7.76
N LEU A 74 9.60 5.97 7.11
CA LEU A 74 8.51 6.41 6.22
C LEU A 74 7.43 7.21 6.94
N LEU A 75 7.24 6.95 8.23
CA LEU A 75 6.33 7.73 9.01
C LEU A 75 6.70 9.19 9.03
N LEU A 76 7.99 9.50 9.09
CA LEU A 76 8.44 10.89 9.13
C LEU A 76 8.24 11.50 7.76
N ASP A 77 8.47 10.68 6.71
CA ASP A 77 8.24 11.10 5.31
C ASP A 77 6.76 11.37 5.17
N LEU A 78 5.95 10.44 5.60
CA LEU A 78 4.54 10.62 5.46
C LEU A 78 4.07 11.90 6.14
N GLU A 79 4.71 12.24 7.27
CA GLU A 79 4.35 13.44 8.01
C GLU A 79 4.65 14.67 7.15
N LEU A 80 5.85 14.76 6.58
CA LEU A 80 6.17 15.88 5.73
C LEU A 80 5.20 15.95 4.53
N LEU A 81 4.80 14.79 4.04
CA LEU A 81 3.90 14.75 2.92
C LEU A 81 2.54 15.34 3.29
N LYS A 82 2.06 14.94 4.44
CA LYS A 82 0.81 15.44 4.93
C LYS A 82 0.85 16.98 4.93
N GLU A 83 1.92 17.55 5.47
CA GLU A 83 2.04 18.99 5.52
C GLU A 83 2.05 19.62 4.14
N ILE A 84 2.73 18.99 3.19
CA ILE A 84 2.72 19.51 1.82
C ILE A 84 1.28 19.56 1.34
N PHE A 85 0.57 18.47 1.50
CA PHE A 85 -0.82 18.44 1.07
C PHE A 85 -1.67 19.52 1.69
N HIS A 86 -1.51 19.82 3.00
CA HIS A 86 -2.35 20.84 3.63
CA HIS A 86 -2.28 20.88 3.75
C HIS A 86 -2.07 22.22 3.06
N THR A 87 -0.89 22.36 2.50
CA THR A 87 -0.36 23.53 1.87
C THR A 87 -0.80 23.75 0.41
N LEU A 88 -1.07 22.68 -0.33
CA LEU A 88 -1.45 22.89 -1.75
C LEU A 88 -2.53 23.95 -2.01
N PRO A 89 -3.69 23.89 -1.29
CA PRO A 89 -4.76 24.87 -1.48
C PRO A 89 -4.24 26.29 -1.49
N GLU A 90 -3.31 26.62 -0.60
CA GLU A 90 -2.76 27.98 -0.62
C GLU A 90 -2.11 28.31 -1.96
N SER A 91 -1.77 27.35 -2.81
CA SER A 91 -1.14 27.72 -4.07
C SER A 91 -2.12 28.26 -5.09
N VAL A 92 -3.41 27.97 -4.93
CA VAL A 92 -4.40 28.43 -5.88
C VAL A 92 -5.31 29.54 -5.33
N SER A 93 -4.95 30.12 -4.19
CA SER A 93 -5.82 31.09 -3.57
C SER A 93 -5.18 32.39 -3.29
N ASN A 94 -5.80 33.41 -3.86
CA ASN A 94 -5.45 34.80 -3.62
C ASN A 94 -6.47 35.27 -2.57
N ASP A 95 -7.71 34.77 -2.70
CA ASP A 95 -8.80 34.98 -1.73
C ASP A 95 -8.83 33.75 -0.82
N SER A 96 -8.55 33.95 0.47
CA SER A 96 -8.50 32.84 1.44
C SER A 96 -9.68 32.71 2.43
N ASP A 97 -10.84 33.24 2.06
CA ASP A 97 -12.06 33.10 2.85
C ASP A 97 -12.54 31.66 2.65
N LEU A 98 -11.82 30.75 3.31
CA LEU A 98 -12.00 29.30 3.07
C LEU A 98 -12.87 28.44 4.00
N ARG A 99 -14.11 28.90 4.22
CA ARG A 99 -15.11 28.08 4.91
C ARG A 99 -15.58 27.10 3.82
N GLU A 100 -15.68 27.64 2.59
CA GLU A 100 -15.93 26.88 1.36
C GLU A 100 -14.48 26.48 1.00
N ASN A 101 -14.20 25.99 -0.20
CA ASN A 101 -15.15 25.76 -1.25
C ASN A 101 -15.66 24.38 -1.13
N THR A 102 -16.93 24.22 -1.48
CA THR A 102 -17.49 22.91 -1.53
C THR A 102 -16.44 22.09 -2.32
N SER A 103 -15.63 22.77 -3.14
CA SER A 103 -14.57 22.11 -3.89
C SER A 103 -13.26 22.00 -3.07
N TYR A 104 -12.90 23.06 -2.35
CA TYR A 104 -11.73 23.01 -1.49
C TYR A 104 -11.77 21.85 -0.48
N LYS A 105 -12.88 21.74 0.23
CA LYS A 105 -13.03 20.66 1.16
C LYS A 105 -12.83 19.40 0.39
N ARG A 106 -13.47 19.25 -0.79
CA ARG A 106 -13.28 18.02 -1.56
C ARG A 106 -11.78 17.70 -1.66
N VAL A 107 -10.98 18.71 -2.00
CA VAL A 107 -9.54 18.52 -2.07
C VAL A 107 -8.99 18.11 -0.67
N LYS A 108 -9.28 18.89 0.38
CA LYS A 108 -8.81 18.50 1.73
C LYS A 108 -9.16 17.06 2.09
N ARG A 109 -10.40 16.61 1.83
CA ARG A 109 -10.81 15.24 2.20
C ARG A 109 -10.03 14.24 1.40
N HIS A 110 -9.68 14.64 0.18
CA HIS A 110 -8.95 13.75 -0.68
C HIS A 110 -7.55 13.53 -0.14
N ALA A 111 -6.91 14.61 0.28
CA ALA A 111 -5.55 14.53 0.82
C ALA A 111 -5.61 13.67 2.06
N ASP A 112 -6.50 14.04 2.95
CA ASP A 112 -6.66 13.33 4.20
C ASP A 112 -6.93 11.85 3.94
N ASN A 113 -7.74 11.56 2.94
CA ASN A 113 -8.05 10.18 2.63
C ASN A 113 -6.79 9.42 2.23
N ASN A 114 -6.03 9.94 1.27
CA ASN A 114 -4.78 9.27 0.84
C ASN A 114 -3.75 9.08 1.98
N ILE A 115 -3.55 10.12 2.77
CA ILE A 115 -2.67 10.00 3.91
C ILE A 115 -3.10 8.81 4.80
N ASP A 116 -4.40 8.74 5.14
CA ASP A 116 -4.88 7.63 5.97
C ASP A 116 -4.43 6.29 5.38
N GLN A 117 -4.60 6.11 4.08
CA GLN A 117 -4.24 4.83 3.50
C GLN A 117 -2.77 4.55 3.66
N LEU A 118 -1.97 5.55 3.28
CA LEU A 118 -0.55 5.40 3.41
C LEU A 118 -0.22 4.96 4.84
N LEU A 119 -0.83 5.68 5.78
CA LEU A 119 -0.59 5.45 7.19
C LEU A 119 -0.87 4.01 7.50
N LYS A 120 -2.00 3.53 7.06
CA LYS A 120 -2.28 2.15 7.35
C LYS A 120 -1.27 1.22 6.73
N PHE A 121 -0.96 1.49 5.48
CA PHE A 121 -0.03 0.65 4.81
C PHE A 121 1.26 0.55 5.59
N ILE A 122 1.80 1.70 5.97
CA ILE A 122 3.05 1.71 6.72
C ILE A 122 2.89 1.02 8.07
N LYS A 123 1.82 1.36 8.80
CA LYS A 123 1.58 0.75 10.13
C LYS A 123 1.65 -0.76 9.97
N LEU A 124 1.14 -1.21 8.83
CA LEU A 124 1.10 -2.61 8.56
C LEU A 124 2.48 -3.14 8.30
N LEU A 125 3.28 -2.46 7.50
CA LEU A 125 4.67 -2.93 7.33
C LEU A 125 5.43 -3.03 8.67
N MSE A 126 5.04 -2.20 9.65
CA MSE A 126 5.76 -2.19 10.92
C MSE A 126 5.23 -3.18 11.91
O MSE A 126 5.75 -3.28 13.03
CB MSE A 126 5.70 -0.84 11.55
CG MSE A 126 6.21 0.29 10.70
SE MSE A 126 6.17 1.95 11.75
CE MSE A 126 4.24 2.01 12.22
N ALA A 127 4.21 -3.93 11.55
CA ALA A 127 3.66 -4.90 12.49
C ALA A 127 4.63 -6.05 12.77
N PRO A 128 4.70 -6.50 14.02
CA PRO A 128 5.57 -7.66 14.25
C PRO A 128 4.93 -8.97 13.73
N LEU A 129 5.78 -9.97 13.48
CA LEU A 129 5.33 -11.31 13.04
C LEU A 129 5.63 -12.37 14.09
N ASP A 130 5.31 -12.08 15.35
CA ASP A 130 5.60 -12.99 16.44
C ASP A 130 4.52 -14.03 16.61
N SER A 131 3.26 -13.61 16.46
CA SER A 131 2.19 -14.60 16.49
C SER A 131 1.29 -14.44 15.27
N ALA A 132 0.95 -15.57 14.66
CA ALA A 132 0.11 -15.56 13.49
C ALA A 132 -1.24 -14.90 13.79
N ASP A 133 -1.67 -15.01 15.05
CA ASP A 133 -2.97 -14.50 15.53
C ASP A 133 -2.95 -13.00 15.68
N ASP A 134 -1.91 -12.49 16.36
CA ASP A 134 -1.84 -11.04 16.57
C ASP A 134 -1.70 -10.35 15.26
N TYR A 135 -1.01 -11.01 14.32
CA TYR A 135 -0.81 -10.44 13.00
C TYR A 135 -2.11 -10.39 12.24
N TYR A 136 -2.93 -11.43 12.37
CA TYR A 136 -4.22 -11.39 11.72
C TYR A 136 -5.05 -10.21 12.25
N GLU A 137 -5.12 -10.07 13.58
CA GLU A 137 -5.91 -8.97 14.18
C GLU A 137 -5.60 -7.64 13.54
N THR A 138 -4.31 -7.38 13.35
CA THR A 138 -3.95 -6.10 12.82
C THR A 138 -4.08 -6.07 11.28
N TYR A 139 -3.82 -7.20 10.60
CA TYR A 139 -3.97 -7.23 9.14
C TYR A 139 -5.43 -6.93 8.75
N SER A 140 -6.38 -7.60 9.39
CA SER A 140 -7.78 -7.35 9.05
C SER A 140 -8.19 -5.96 9.50
N LYS A 141 -7.65 -5.49 10.63
CA LYS A 141 -7.97 -4.15 11.06
C LYS A 141 -7.53 -3.13 10.02
N LEU A 142 -6.29 -3.28 9.56
CA LEU A 142 -5.71 -2.27 8.71
C LEU A 142 -6.13 -2.36 7.26
N THR A 143 -6.73 -3.45 6.83
CA THR A 143 -7.14 -3.53 5.41
C THR A 143 -8.66 -3.62 5.29
N ASN A 144 -9.34 -3.35 6.40
CA ASN A 144 -10.80 -3.50 6.48
C ASN A 144 -11.27 -4.88 6.03
N ASN A 145 -10.68 -5.92 6.63
CA ASN A 145 -11.03 -7.31 6.36
C ASN A 145 -10.91 -7.77 4.94
N ASN A 146 -9.90 -7.27 4.25
CA ASN A 146 -9.68 -7.64 2.87
C ASN A 146 -9.41 -9.16 2.69
N PRO A 147 -10.33 -9.86 2.01
CA PRO A 147 -10.25 -11.32 1.83
C PRO A 147 -9.30 -11.76 0.75
N ASP A 148 -8.73 -10.80 0.05
CA ASP A 148 -7.86 -11.16 -1.04
C ASP A 148 -6.51 -11.70 -0.54
N SER A 149 -6.25 -12.91 -1.02
CA SER A 149 -5.06 -13.65 -0.71
C SER A 149 -3.82 -13.16 -1.45
N ALA A 150 -3.96 -12.68 -2.68
CA ALA A 150 -2.79 -12.14 -3.37
C ALA A 150 -2.26 -10.88 -2.64
N VAL A 151 -3.18 -9.99 -2.24
CA VAL A 151 -2.81 -8.78 -1.53
C VAL A 151 -2.12 -9.19 -0.22
N TRP A 152 -2.75 -10.13 0.45
CA TRP A 152 -2.20 -10.57 1.70
C TRP A 152 -0.76 -11.02 1.56
N SER A 153 -0.50 -11.66 0.44
CA SER A 153 0.78 -12.26 0.20
C SER A 153 1.81 -11.27 -0.17
N PHE A 154 1.40 -10.28 -0.94
CA PHE A 154 2.33 -9.27 -1.37
C PHE A 154 2.72 -8.51 -0.13
N VAL A 155 1.73 -8.15 0.69
CA VAL A 155 2.04 -7.48 1.93
C VAL A 155 3.06 -8.27 2.73
N LEU A 156 2.79 -9.54 3.00
CA LEU A 156 3.71 -10.36 3.78
C LEU A 156 5.14 -10.42 3.19
N ALA A 157 5.21 -10.57 1.88
CA ALA A 157 6.49 -10.59 1.22
C ALA A 157 7.14 -9.22 1.46
N LEU A 158 6.38 -8.15 1.30
CA LEU A 158 6.94 -6.81 1.49
C LEU A 158 7.46 -6.66 2.89
N LYS A 159 6.77 -7.27 3.86
CA LYS A 159 7.19 -7.23 5.25
C LYS A 159 8.60 -7.81 5.48
N GLY A 160 9.09 -8.60 4.52
CA GLY A 160 10.47 -9.08 4.57
C GLY A 160 10.70 -10.53 4.90
N ILE A 161 9.61 -11.25 5.17
CA ILE A 161 9.61 -12.69 5.53
C ILE A 161 10.42 -13.48 4.50
N PRO A 162 11.22 -14.45 4.94
CA PRO A 162 11.94 -15.22 3.89
C PRO A 162 11.02 -16.25 3.23
N TRP A 163 11.50 -16.92 2.20
CA TRP A 163 10.71 -17.95 1.49
C TRP A 163 10.67 -19.28 2.24
N ASP A 164 10.13 -19.23 3.46
CA ASP A 164 10.01 -20.40 4.33
C ASP A 164 8.55 -20.83 4.32
N LEU A 165 8.29 -21.89 3.57
CA LEU A 165 6.95 -22.41 3.42
C LEU A 165 6.28 -22.70 4.78
N ALA A 166 7.05 -23.24 5.72
CA ALA A 166 6.56 -23.53 7.07
C ALA A 166 6.06 -22.27 7.78
N LEU A 167 6.83 -21.20 7.67
CA LEU A 167 6.46 -19.93 8.25
C LEU A 167 5.27 -19.30 7.50
N TRP A 168 5.24 -19.41 6.18
CA TRP A 168 4.11 -18.90 5.42
C TRP A 168 2.79 -19.56 5.82
N LYS A 169 2.80 -20.88 5.90
CA LYS A 169 1.61 -21.63 6.33
C LYS A 169 1.28 -21.29 7.76
N LYS A 170 2.30 -21.05 8.58
CA LYS A 170 2.14 -20.69 9.98
C LYS A 170 1.33 -19.37 10.01
N MSE A 171 1.67 -18.47 9.09
CA MSE A 171 1.05 -17.18 9.03
C MSE A 171 -0.32 -17.24 8.42
O MSE A 171 -1.28 -16.61 8.87
CB MSE A 171 1.93 -16.21 8.24
CG MSE A 171 3.23 -15.80 8.93
SE MSE A 171 3.01 -15.15 10.78
CE MSE A 171 1.28 -14.21 10.60
N TRP A 172 -0.38 -18.01 7.34
CA TRP A 172 -1.56 -18.14 6.55
C TRP A 172 -2.72 -18.82 7.25
N SER A 173 -2.39 -19.82 8.05
CA SER A 173 -3.40 -20.57 8.74
C SER A 173 -4.30 -19.66 9.51
N ALA A 174 -3.70 -18.72 10.23
CA ALA A 174 -4.53 -17.86 11.07
C ALA A 174 -5.45 -17.04 10.21
N TYR A 175 -4.89 -16.49 9.13
CA TYR A 175 -5.65 -15.70 8.19
C TYR A 175 -6.80 -16.49 7.56
N ASN A 176 -6.44 -17.62 6.96
CA ASN A 176 -7.41 -18.44 6.31
C ASN A 176 -8.50 -18.77 7.29
N LEU A 177 -8.15 -19.36 8.43
CA LEU A 177 -9.13 -19.78 9.45
C LEU A 177 -10.19 -18.73 9.78
N GLU A 178 -9.83 -17.45 9.66
CA GLU A 178 -10.77 -16.34 9.95
C GLU A 178 -11.45 -15.67 8.72
N THR A 179 -11.04 -16.06 7.51
CA THR A 179 -11.61 -15.44 6.32
C THR A 179 -12.21 -16.44 5.32
N ASN A 191 -15.47 -5.33 -7.86
CA ASN A 191 -15.73 -5.72 -6.48
C ASN A 191 -14.44 -5.93 -5.61
N ARG A 192 -13.37 -6.46 -6.24
CA ARG A 192 -12.09 -6.78 -5.58
C ARG A 192 -11.36 -5.54 -5.02
N ASP A 193 -11.05 -5.56 -3.72
CA ASP A 193 -10.33 -4.46 -3.06
C ASP A 193 -8.84 -4.80 -3.07
N LEU A 194 -8.05 -3.94 -3.71
CA LEU A 194 -6.60 -4.14 -3.83
C LEU A 194 -5.80 -3.41 -2.77
N PHE A 195 -6.49 -2.82 -1.80
CA PHE A 195 -5.79 -2.11 -0.73
C PHE A 195 -4.88 -1.05 -1.35
N ILE A 196 -3.71 -0.86 -0.77
CA ILE A 196 -2.74 0.13 -1.23
C ILE A 196 -2.30 -0.09 -2.69
N PHE A 197 -2.51 -1.29 -3.24
CA PHE A 197 -2.05 -1.58 -4.58
C PHE A 197 -2.98 -0.98 -5.60
N LYS A 198 -4.01 -0.30 -5.09
CA LYS A 198 -4.92 0.46 -5.92
C LYS A 198 -4.02 1.41 -6.74
N TRP A 199 -2.88 1.73 -6.14
CA TRP A 199 -1.98 2.74 -6.65
C TRP A 199 -0.85 2.23 -7.54
N ASP A 200 -0.65 0.91 -7.59
CA ASP A 200 0.29 0.30 -8.54
C ASP A 200 -0.15 -1.13 -8.81
N LYS A 201 -1.23 -1.24 -9.57
CA LYS A 201 -1.80 -2.52 -9.94
C LYS A 201 -0.79 -3.44 -10.60
N VAL A 202 0.03 -2.87 -11.47
CA VAL A 202 1.04 -3.64 -12.19
C VAL A 202 2.01 -4.41 -11.28
N LEU A 203 2.60 -3.73 -10.29
CA LEU A 203 3.56 -4.40 -9.41
C LEU A 203 2.94 -5.59 -8.71
N LEU A 204 1.67 -5.45 -8.29
CA LEU A 204 0.94 -6.55 -7.68
C LEU A 204 0.77 -7.69 -8.70
N GLY A 205 0.33 -7.33 -9.91
CA GLY A 205 0.20 -8.28 -11.01
C GLY A 205 1.51 -9.05 -11.21
N GLN A 206 2.63 -8.34 -11.45
CA GLN A 206 3.92 -9.04 -11.58
C GLN A 206 4.17 -9.95 -10.38
N PHE A 207 4.01 -9.43 -9.17
CA PHE A 207 4.18 -10.27 -8.00
C PHE A 207 3.41 -11.58 -8.11
N GLU A 208 2.12 -11.47 -8.45
CA GLU A 208 1.28 -12.65 -8.63
C GLU A 208 1.92 -13.64 -9.63
N ASN A 209 2.31 -13.16 -10.81
CA ASN A 209 2.96 -14.00 -11.84
C ASN A 209 4.17 -14.74 -11.33
N ASN A 210 5.08 -13.99 -10.71
CA ASN A 210 6.31 -14.55 -10.21
C ASN A 210 6.01 -15.66 -9.25
N LEU A 211 4.94 -15.48 -8.47
CA LEU A 211 4.56 -16.44 -7.45
C LEU A 211 4.06 -17.79 -8.02
N ALA A 212 3.42 -17.73 -9.17
CA ALA A 212 2.95 -18.94 -9.82
C ALA A 212 4.09 -19.66 -10.54
N ARG A 213 5.17 -18.91 -10.81
CA ARG A 213 6.34 -19.46 -11.51
C ARG A 213 7.35 -20.19 -10.60
N MSE A 214 6.97 -20.44 -9.36
CA MSE A 214 7.86 -21.10 -8.43
C MSE A 214 8.08 -22.55 -8.82
O MSE A 214 7.12 -23.30 -9.02
CB MSE A 214 7.37 -20.95 -7.01
CG MSE A 214 7.38 -19.50 -6.59
SE MSE A 214 6.96 -19.09 -4.70
CE MSE A 214 8.67 -19.58 -3.84
N GLN A 215 9.35 -22.95 -8.92
CA GLN A 215 9.71 -24.30 -9.30
C GLN A 215 9.40 -25.37 -8.24
N ASP A 216 9.65 -25.08 -6.96
CA ASP A 216 9.40 -26.05 -5.88
C ASP A 216 7.95 -26.55 -5.86
N PRO A 217 7.77 -27.89 -5.95
CA PRO A 217 6.42 -28.52 -5.96
C PRO A 217 5.50 -28.18 -4.78
N ASN A 218 6.07 -28.06 -3.57
CA ASN A 218 5.27 -27.74 -2.38
C ASN A 218 4.70 -26.37 -2.49
N TRP A 219 5.60 -25.41 -2.76
CA TRP A 219 5.23 -24.02 -3.00
C TRP A 219 4.21 -23.96 -4.08
N SER A 220 4.55 -24.59 -5.20
CA SER A 220 3.65 -24.66 -6.33
C SER A 220 2.26 -25.06 -5.83
N LYS A 221 2.19 -26.12 -5.02
CA LYS A 221 0.91 -26.61 -4.48
C LYS A 221 0.27 -25.61 -3.49
N PHE A 222 1.09 -24.96 -2.68
CA PHE A 222 0.62 -23.99 -1.70
C PHE A 222 -0.05 -22.81 -2.40
N VAL A 223 0.57 -22.32 -3.47
CA VAL A 223 0.07 -21.22 -4.26
C VAL A 223 -1.28 -21.50 -4.93
N ARG A 224 -1.33 -22.59 -5.70
CA ARG A 224 -2.51 -22.92 -6.50
C ARG A 224 -3.69 -23.46 -5.73
N GLN A 225 -3.42 -24.22 -4.67
CA GLN A 225 -4.50 -24.78 -3.86
C GLN A 225 -4.85 -24.01 -2.58
N ASP A 226 -3.83 -23.53 -1.86
CA ASP A 226 -4.06 -22.78 -0.60
C ASP A 226 -4.34 -21.26 -0.77
N LEU A 227 -3.58 -20.60 -1.63
CA LEU A 227 -3.76 -19.16 -1.90
C LEU A 227 -4.65 -18.90 -3.12
N LYS A 228 -4.25 -19.39 -4.30
CA LYS A 228 -5.03 -19.28 -5.55
C LYS A 228 -4.72 -18.14 -6.50
BA BA B . 14.38 0.10 15.66
BA BA C . -1.51 32.28 -2.00
BA BA D . -11.30 -20.06 5.26
#